data_6X8P
#
_entry.id   6X8P
#
_cell.length_a   59.859
_cell.length_b   59.859
_cell.length_c   235.005
_cell.angle_alpha   90.000
_cell.angle_beta   90.000
_cell.angle_gamma   120.000
#
_symmetry.space_group_name_H-M   'P 32 2 1'
#
loop_
_entity.id
_entity.type
_entity.pdbx_description
1 polymer '3D11 Fab heavy chain'
2 polymer '3D11 Fab light chain'
3 polymer 'NPND peptide'
4 non-polymer 1,2-ETHANEDIOL
5 water water
#
loop_
_entity_poly.entity_id
_entity_poly.type
_entity_poly.pdbx_seq_one_letter_code
_entity_poly.pdbx_strand_id
1 'polypeptide(L)'
;QAYLQQSGAELVRSGASVKMSCKASGYTFTSYNMHWVKQTPGQGLEWIGYIYPGNGVTNFNQKFKGKATLTADTSSSTAY
MQISSLTSEDSAVYFCASAAYWGQGTLVTVSSASTKGPSVFPLAPSSKSTSGGTAALGCLVKDYFPEPVTVSWNSGALTS
GVHTFPAVLQSSGLYSLSSVVTVPSSSLGTQTYICNVNHKPSNTKVDKKVEPKSC
;
H
2 'polypeptide(L)'
;DVVMTQTPLTLSVTIGQPASISCKSSQSLLYSDGKTYLNWLLQRPGQSPKRLISLVSELDSGVPDRFTGSGSGTDFTLKI
SRVEAEDLGVYYCWQGTHFPRTFGGGTKLEIKRTVAAPSVFIFPPSDEQLKSGTASVVCLLNNFYPREAKVQWKVDNALQ
SGNSQESVTEQDSKDSTYSLSSTLTLSKADYEKHKVYACEVTHQGLSSPVTKSFNRGEC
;
L
3 'polypeptide(L)' PPPPNPNDPPPPNPND P
#
loop_
_chem_comp.id
_chem_comp.type
_chem_comp.name
_chem_comp.formula
EDO non-polymer 1,2-ETHANEDIOL 'C2 H6 O2'
#
# COMPACT_ATOMS: atom_id res chain seq x y z
N ALA A 2 -6.40 20.64 1.39
CA ALA A 2 -5.20 19.94 1.82
C ALA A 2 -5.14 18.54 1.20
N TYR A 3 -5.24 18.45 -0.13
CA TYR A 3 -5.63 17.17 -0.72
C TYR A 3 -5.43 17.16 -2.22
N LEU A 4 -4.86 16.06 -2.72
CA LEU A 4 -4.63 15.80 -4.13
C LEU A 4 -5.26 14.46 -4.46
N GLN A 5 -6.18 14.44 -5.41
CA GLN A 5 -6.92 13.23 -5.77
C GLN A 5 -6.54 12.80 -7.19
N GLN A 6 -5.95 11.62 -7.34
CA GLN A 6 -5.52 11.15 -8.65
C GLN A 6 -6.55 10.23 -9.28
N SER A 7 -6.44 10.08 -10.60
CA SER A 7 -7.36 9.24 -11.34
C SER A 7 -7.02 7.76 -11.17
N GLY A 8 -7.95 6.90 -11.58
CA GLY A 8 -7.85 5.47 -11.31
C GLY A 8 -6.80 4.74 -12.12
N ALA A 9 -6.59 3.49 -11.76
CA ALA A 9 -5.53 2.68 -12.36
C ALA A 9 -5.85 2.39 -13.82
N GLU A 10 -4.80 2.12 -14.59
CA GLU A 10 -4.97 1.95 -16.02
C GLU A 10 -4.17 0.77 -16.55
N LEU A 11 -4.78 0.03 -17.48
CA LEU A 11 -4.09 -0.95 -18.30
C LEU A 11 -3.87 -0.37 -19.68
N VAL A 12 -2.62 -0.38 -20.15
CA VAL A 12 -2.26 0.24 -21.42
C VAL A 12 -1.32 -0.66 -22.20
N ARG A 13 -1.44 -0.61 -23.53
CA ARG A 13 -0.65 -1.44 -24.43
C ARG A 13 0.73 -0.84 -24.66
N SER A 14 1.69 -1.72 -24.95
CA SER A 14 3.03 -1.27 -25.29
C SER A 14 3.00 -0.39 -26.53
N GLY A 15 3.67 0.76 -26.47
CA GLY A 15 3.69 1.68 -27.58
C GLY A 15 2.56 2.70 -27.61
N ALA A 16 1.56 2.56 -26.75
CA ALA A 16 0.45 3.51 -26.69
C ALA A 16 0.80 4.62 -25.69
N SER A 17 -0.17 5.45 -25.36
CA SER A 17 0.04 6.47 -24.35
C SER A 17 -0.97 6.32 -23.23
N VAL A 18 -0.68 6.99 -22.12
CA VAL A 18 -1.56 7.01 -20.95
C VAL A 18 -1.64 8.44 -20.44
N LYS A 19 -2.82 8.85 -20.02
CA LYS A 19 -3.04 10.18 -19.47
C LYS A 19 -3.73 10.03 -18.13
N MET A 20 -3.18 10.68 -17.11
CA MET A 20 -3.72 10.62 -15.76
C MET A 20 -3.87 12.02 -15.21
N SER A 21 -4.76 12.17 -14.22
CA SER A 21 -5.12 13.47 -13.68
C SER A 21 -4.85 13.54 -12.18
N CYS A 22 -4.72 14.77 -11.69
CA CYS A 22 -4.48 15.05 -10.28
C CYS A 22 -5.28 16.31 -9.93
N LYS A 23 -6.40 16.14 -9.21
CA LYS A 23 -7.24 17.26 -8.85
C LYS A 23 -6.86 17.77 -7.47
N ALA A 24 -6.70 19.09 -7.36
CA ALA A 24 -6.21 19.74 -6.17
C ALA A 24 -7.31 20.54 -5.48
N SER A 25 -7.22 20.58 -4.15
CA SER A 25 -8.18 21.32 -3.33
CA SER A 25 -8.18 21.32 -3.34
C SER A 25 -7.52 21.70 -2.02
N GLY A 26 -8.07 22.73 -1.38
CA GLY A 26 -7.61 23.15 -0.06
C GLY A 26 -6.25 23.82 -0.02
N TYR A 27 -5.71 24.25 -1.15
CA TYR A 27 -4.57 25.16 -1.20
C TYR A 27 -4.62 25.91 -2.52
N THR A 28 -3.86 27.01 -2.60
CA THR A 28 -3.82 27.78 -3.85
C THR A 28 -3.05 26.99 -4.90
N PHE A 29 -3.80 26.40 -5.84
CA PHE A 29 -3.24 25.53 -6.88
C PHE A 29 -2.19 26.25 -7.71
N THR A 30 -2.38 27.52 -8.01
CA THR A 30 -1.45 28.23 -8.88
C THR A 30 -0.21 28.75 -8.16
N SER A 31 -0.09 28.52 -6.85
CA SER A 31 1.04 29.06 -6.08
C SER A 31 2.19 28.08 -5.86
N TYR A 32 2.06 26.82 -6.26
CA TYR A 32 3.09 25.81 -6.00
C TYR A 32 3.37 24.98 -7.24
N ASN A 33 4.65 24.69 -7.48
CA ASN A 33 5.01 23.70 -8.50
C ASN A 33 4.24 22.40 -8.26
N MET A 34 3.68 21.85 -9.33
CA MET A 34 2.99 20.56 -9.28
C MET A 34 3.96 19.50 -9.83
N HIS A 35 4.49 18.66 -8.94
CA HIS A 35 5.48 17.66 -9.29
C HIS A 35 4.82 16.33 -9.64
N TRP A 36 5.49 15.56 -10.51
CA TRP A 36 5.12 14.20 -10.82
C TRP A 36 6.31 13.29 -10.52
N VAL A 37 6.04 12.17 -9.85
CA VAL A 37 7.08 11.29 -9.30
C VAL A 37 6.74 9.84 -9.62
N LYS A 38 7.72 9.10 -10.11
CA LYS A 38 7.55 7.69 -10.39
C LYS A 38 8.12 6.87 -9.25
N GLN A 39 7.34 5.94 -8.74
CA GLN A 39 7.80 5.04 -7.68
C GLN A 39 8.12 3.68 -8.28
N THR A 40 9.37 3.26 -8.14
CA THR A 40 9.82 1.97 -8.63
C THR A 40 9.42 0.87 -7.66
N PRO A 41 9.39 -0.40 -8.13
CA PRO A 41 8.94 -1.48 -7.23
C PRO A 41 9.72 -1.59 -5.93
N GLY A 42 10.99 -1.20 -5.91
CA GLY A 42 11.80 -1.30 -4.69
C GLY A 42 11.94 -0.02 -3.90
N GLN A 43 10.83 0.69 -3.69
CA GLN A 43 10.68 1.88 -2.84
C GLN A 43 11.39 3.12 -3.39
N GLY A 44 11.99 3.06 -4.58
CA GLY A 44 12.67 4.23 -5.10
C GLY A 44 11.69 5.29 -5.59
N LEU A 45 12.05 6.55 -5.39
CA LEU A 45 11.27 7.68 -5.91
C LEU A 45 12.07 8.44 -6.95
N GLU A 46 11.47 8.66 -8.12
CA GLU A 46 12.15 9.26 -9.26
C GLU A 46 11.33 10.44 -9.76
N TRP A 47 11.93 11.62 -9.78
CA TRP A 47 11.26 12.83 -10.24
C TRP A 47 11.11 12.81 -11.75
N ILE A 48 9.90 13.04 -12.23
CA ILE A 48 9.64 13.17 -13.67
C ILE A 48 9.80 14.63 -14.11
N GLY A 49 9.12 15.53 -13.42
CA GLY A 49 9.13 16.94 -13.78
C GLY A 49 8.06 17.67 -12.98
N TYR A 50 7.93 18.97 -13.26
CA TYR A 50 6.83 19.73 -12.68
C TYR A 50 6.24 20.69 -13.71
N ILE A 51 5.03 21.16 -13.42
CA ILE A 51 4.46 22.36 -14.04
C ILE A 51 4.08 23.32 -12.93
N TYR A 52 4.39 24.59 -13.13
CA TYR A 52 3.92 25.64 -12.25
C TYR A 52 2.61 26.15 -12.83
N PRO A 53 1.46 25.84 -12.23
CA PRO A 53 0.18 26.25 -12.84
C PRO A 53 0.02 27.75 -12.94
N GLY A 54 0.81 28.54 -12.20
CA GLY A 54 0.69 29.99 -12.27
C GLY A 54 1.07 30.57 -13.61
N ASN A 55 2.00 29.95 -14.32
CA ASN A 55 2.41 30.48 -15.61
C ASN A 55 2.64 29.38 -16.64
N GLY A 56 2.44 28.12 -16.27
CA GLY A 56 2.57 27.04 -17.20
C GLY A 56 3.97 26.54 -17.44
N VAL A 57 4.97 27.14 -16.80
CA VAL A 57 6.36 26.75 -17.06
C VAL A 57 6.57 25.32 -16.56
N THR A 58 7.25 24.51 -17.38
CA THR A 58 7.55 23.13 -17.05
C THR A 58 9.06 22.93 -17.02
N ASN A 59 9.48 22.02 -16.16
CA ASN A 59 10.86 21.57 -16.12
C ASN A 59 10.85 20.06 -15.97
N PHE A 60 11.75 19.38 -16.70
CA PHE A 60 11.73 17.94 -16.81
C PHE A 60 13.07 17.33 -16.44
N ASN A 61 12.98 16.16 -15.83
CA ASN A 61 14.08 15.22 -15.83
C ASN A 61 14.43 14.86 -17.27
N GLN A 62 15.71 14.95 -17.63
CA GLN A 62 16.12 14.67 -19.00
C GLN A 62 15.74 13.26 -19.46
N LYS A 63 15.56 12.32 -18.53
CA LYS A 63 15.17 10.96 -18.93
C LYS A 63 13.74 10.89 -19.45
N PHE A 64 12.86 11.77 -18.98
CA PHE A 64 11.46 11.75 -19.39
C PHE A 64 11.09 12.84 -20.39
N LYS A 65 12.06 13.67 -20.80
CA LYS A 65 11.74 14.87 -21.57
C LYS A 65 10.97 14.52 -22.85
N GLY A 66 11.40 13.48 -23.56
CA GLY A 66 10.74 13.16 -24.82
C GLY A 66 9.40 12.45 -24.72
N LYS A 67 8.94 12.03 -23.53
CA LYS A 67 7.73 11.24 -23.48
C LYS A 67 6.71 11.72 -22.46
N ALA A 68 7.05 12.60 -21.54
CA ALA A 68 6.08 13.10 -20.58
C ALA A 68 5.63 14.50 -21.00
N THR A 69 4.32 14.71 -21.03
CA THR A 69 3.70 16.01 -21.29
C THR A 69 2.94 16.42 -20.05
N LEU A 70 3.26 17.57 -19.48
CA LEU A 70 2.63 18.06 -18.25
C LEU A 70 1.79 19.30 -18.56
N THR A 71 0.54 19.29 -18.10
CA THR A 71 -0.38 20.40 -18.32
C THR A 71 -1.17 20.67 -17.04
N ALA A 72 -1.84 21.82 -17.02
CA ALA A 72 -2.61 22.24 -15.86
C ALA A 72 -3.81 23.07 -16.30
N ASP A 73 -4.95 22.81 -15.66
CA ASP A 73 -6.19 23.55 -15.90
C ASP A 73 -6.50 24.35 -14.65
N THR A 74 -6.30 25.66 -14.71
CA THR A 74 -6.50 26.50 -13.53
CA THR A 74 -6.50 26.48 -13.52
C THR A 74 -7.98 26.60 -13.15
N SER A 75 -8.88 26.55 -14.13
CA SER A 75 -10.29 26.70 -13.80
C SER A 75 -10.78 25.54 -12.94
N SER A 76 -10.33 24.32 -13.24
CA SER A 76 -10.72 23.14 -12.48
C SER A 76 -9.69 22.70 -11.46
N SER A 77 -8.59 23.43 -11.30
CA SER A 77 -7.51 23.06 -10.38
C SER A 77 -7.06 21.62 -10.60
N THR A 78 -6.82 21.24 -11.85
CA THR A 78 -6.44 19.88 -12.19
C THR A 78 -5.16 19.87 -13.03
N ALA A 79 -4.18 19.08 -12.59
CA ALA A 79 -2.95 18.82 -13.33
C ALA A 79 -3.06 17.48 -14.06
N TYR A 80 -2.31 17.36 -15.15
CA TYR A 80 -2.36 16.18 -16.01
C TYR A 80 -0.96 15.80 -16.42
N MET A 81 -0.73 14.49 -16.53
CA MET A 81 0.50 13.98 -17.13
C MET A 81 0.12 12.96 -18.19
N GLN A 82 0.72 13.10 -19.37
CA GLN A 82 0.66 12.08 -20.41
C GLN A 82 2.05 11.51 -20.60
N ILE A 83 2.12 10.20 -20.83
CA ILE A 83 3.35 9.48 -21.12
C ILE A 83 3.12 8.69 -22.39
N SER A 84 3.86 9.00 -23.44
CA SER A 84 3.69 8.33 -24.73
C SER A 84 4.73 7.22 -24.88
N SER A 85 4.54 6.42 -25.93
CA SER A 85 5.45 5.34 -26.31
C SER A 85 5.79 4.46 -25.11
N LEU A 86 4.75 3.92 -24.49
CA LEU A 86 4.95 3.18 -23.25
C LEU A 86 5.68 1.87 -23.50
N THR A 87 6.61 1.55 -22.61
CA THR A 87 7.35 0.30 -22.66
C THR A 87 7.12 -0.44 -21.35
N SER A 88 7.75 -1.60 -21.22
CA SER A 88 7.55 -2.40 -20.02
C SER A 88 8.07 -1.67 -18.78
N GLU A 89 9.18 -0.94 -18.89
CA GLU A 89 9.75 -0.24 -17.74
C GLU A 89 8.88 0.90 -17.23
N ASP A 90 7.79 1.25 -17.94
CA ASP A 90 6.91 2.33 -17.54
C ASP A 90 5.78 1.89 -16.59
N SER A 91 5.66 0.57 -16.32
CA SER A 91 4.70 0.07 -15.34
C SER A 91 5.15 0.47 -13.94
N ALA A 92 4.39 1.34 -13.29
CA ALA A 92 4.77 1.82 -11.97
C ALA A 92 3.57 2.53 -11.35
N VAL A 93 3.74 2.94 -10.11
CA VAL A 93 2.81 3.88 -9.48
C VAL A 93 3.35 5.29 -9.70
N TYR A 94 2.49 6.18 -10.17
CA TYR A 94 2.85 7.58 -10.43
C TYR A 94 2.14 8.48 -9.45
N PHE A 95 2.91 9.32 -8.75
CA PHE A 95 2.37 10.27 -7.79
C PHE A 95 2.45 11.69 -8.35
N CYS A 96 1.45 12.50 -8.01
CA CYS A 96 1.58 13.95 -8.05
C CYS A 96 1.87 14.46 -6.64
N ALA A 97 2.66 15.53 -6.56
CA ALA A 97 2.99 16.14 -5.28
C ALA A 97 3.08 17.65 -5.44
N SER A 98 2.51 18.38 -4.49
CA SER A 98 2.57 19.83 -4.51
C SER A 98 2.37 20.33 -3.10
N ALA A 99 3.10 21.39 -2.74
CA ALA A 99 3.02 21.97 -1.39
C ALA A 99 3.22 20.83 -0.39
N ALA A 100 2.40 20.71 0.64
CA ALA A 100 2.59 19.71 1.67
C ALA A 100 1.88 18.39 1.36
N TYR A 101 1.36 18.23 0.14
CA TYR A 101 0.45 17.15 -0.18
C TYR A 101 1.00 16.24 -1.26
N TRP A 102 0.57 14.99 -1.19
CA TRP A 102 0.85 13.98 -2.21
C TRP A 102 -0.47 13.32 -2.59
N GLY A 103 -0.61 12.96 -3.86
CA GLY A 103 -1.74 12.17 -4.27
C GLY A 103 -1.61 10.73 -3.79
N GLN A 104 -2.69 9.95 -3.94
CA GLN A 104 -2.65 8.54 -3.56
C GLN A 104 -1.98 7.67 -4.62
N GLY A 105 -1.62 8.22 -5.77
CA GLY A 105 -0.91 7.43 -6.77
C GLY A 105 -1.84 6.79 -7.78
N THR A 106 -1.34 6.66 -9.01
CA THR A 106 -2.04 6.03 -10.13
C THR A 106 -1.20 4.86 -10.63
N LEU A 107 -1.74 3.65 -10.55
CA LEU A 107 -1.00 2.45 -10.95
C LEU A 107 -1.18 2.19 -12.43
N VAL A 108 -0.08 2.20 -13.17
CA VAL A 108 -0.10 1.96 -14.61
C VAL A 108 0.50 0.58 -14.90
N THR A 109 -0.19 -0.22 -15.70
CA THR A 109 0.30 -1.52 -16.09
C THR A 109 0.39 -1.56 -17.62
N VAL A 110 1.61 -1.73 -18.12
CA VAL A 110 1.84 -1.85 -19.55
C VAL A 110 1.86 -3.34 -19.88
N SER A 111 0.82 -3.80 -20.57
CA SER A 111 0.71 -5.20 -20.91
C SER A 111 -0.20 -5.35 -22.13
N SER A 112 0.08 -6.38 -22.92
CA SER A 112 -0.80 -6.68 -24.05
C SER A 112 -1.95 -7.63 -23.67
N ALA A 113 -1.96 -8.18 -22.47
CA ALA A 113 -3.00 -9.11 -22.06
C ALA A 113 -4.32 -8.37 -21.83
N SER A 114 -5.43 -9.04 -22.12
CA SER A 114 -6.72 -8.43 -21.91
C SER A 114 -7.10 -8.45 -20.43
N THR A 115 -7.92 -7.48 -20.04
CA THR A 115 -8.30 -7.33 -18.64
C THR A 115 -9.29 -8.40 -18.22
N LYS A 116 -9.24 -8.78 -16.95
CA LYS A 116 -10.20 -9.73 -16.41
C LYS A 116 -10.65 -9.28 -15.04
N GLY A 117 -11.96 -9.15 -14.85
CA GLY A 117 -12.53 -8.81 -13.56
C GLY A 117 -12.57 -10.00 -12.63
N PRO A 118 -12.54 -9.75 -11.32
CA PRO A 118 -12.40 -10.85 -10.35
C PRO A 118 -13.71 -11.62 -10.14
N SER A 119 -13.54 -12.84 -9.65
CA SER A 119 -14.62 -13.58 -8.99
C SER A 119 -14.50 -13.37 -7.49
N VAL A 120 -15.63 -13.22 -6.82
CA VAL A 120 -15.65 -12.95 -5.39
C VAL A 120 -16.39 -14.09 -4.70
N PHE A 121 -15.76 -14.66 -3.66
CA PHE A 121 -16.33 -15.75 -2.89
C PHE A 121 -16.28 -15.42 -1.41
N PRO A 122 -17.30 -15.81 -0.65
CA PRO A 122 -17.31 -15.50 0.78
C PRO A 122 -16.39 -16.42 1.56
N LEU A 123 -15.79 -15.83 2.61
CA LEU A 123 -15.05 -16.55 3.63
C LEU A 123 -15.98 -16.58 4.85
N ALA A 124 -16.82 -17.61 4.89
CA ALA A 124 -17.92 -17.66 5.83
C ALA A 124 -17.41 -17.86 7.26
N PRO A 125 -17.85 -17.06 8.22
CA PRO A 125 -17.49 -17.32 9.61
C PRO A 125 -18.21 -18.55 10.13
N SER A 126 -17.53 -19.28 11.01
CA SER A 126 -18.08 -20.47 11.63
C SER A 126 -17.35 -20.70 12.93
N SER A 127 -17.65 -21.81 13.60
CA SER A 127 -16.89 -22.14 14.80
C SER A 127 -15.43 -22.43 14.48
N LYS A 128 -15.12 -22.72 13.23
CA LYS A 128 -13.74 -22.91 12.83
C LYS A 128 -13.02 -21.59 12.54
N SER A 129 -13.70 -20.46 12.62
CA SER A 129 -13.05 -19.17 12.53
C SER A 129 -13.45 -18.29 13.71
N THR A 130 -13.45 -18.86 14.91
CA THR A 130 -13.65 -18.12 16.15
C THR A 130 -12.42 -18.29 17.05
N SER A 131 -12.11 -17.22 17.79
CA SER A 131 -10.97 -17.22 18.71
C SER A 131 -11.23 -16.18 19.78
N GLY A 132 -11.15 -16.58 21.05
CA GLY A 132 -11.36 -15.70 22.18
C GLY A 132 -12.63 -14.89 22.14
N GLY A 133 -13.73 -15.46 21.62
CA GLY A 133 -14.98 -14.73 21.52
C GLY A 133 -15.12 -13.85 20.29
N THR A 134 -14.09 -13.73 19.47
CA THR A 134 -14.20 -13.01 18.20
C THR A 134 -14.34 -14.02 17.07
N ALA A 135 -14.87 -13.55 15.94
CA ALA A 135 -15.01 -14.38 14.76
C ALA A 135 -14.35 -13.70 13.58
N ALA A 136 -13.70 -14.48 12.74
CA ALA A 136 -13.11 -13.92 11.52
C ALA A 136 -14.01 -14.25 10.34
N LEU A 137 -13.99 -13.37 9.34
CA LEU A 137 -14.78 -13.53 8.13
C LEU A 137 -14.13 -12.68 7.04
N GLY A 138 -14.51 -12.93 5.79
CA GLY A 138 -13.97 -12.10 4.73
C GLY A 138 -14.48 -12.49 3.37
N CYS A 139 -13.78 -12.03 2.34
CA CYS A 139 -14.08 -12.48 1.00
CA CYS A 139 -14.07 -12.34 0.95
C CYS A 139 -12.79 -12.70 0.22
N LEU A 140 -12.85 -13.73 -0.60
CA LEU A 140 -11.76 -14.16 -1.45
C LEU A 140 -11.96 -13.54 -2.83
N VAL A 141 -10.95 -12.83 -3.31
CA VAL A 141 -11.02 -12.11 -4.58
C VAL A 141 -10.00 -12.72 -5.53
N LYS A 142 -10.49 -13.42 -6.54
CA LYS A 142 -9.68 -14.38 -7.27
C LYS A 142 -9.75 -14.13 -8.77
N ASP A 143 -8.62 -14.29 -9.45
CA ASP A 143 -8.54 -14.39 -10.91
C ASP A 143 -8.87 -13.05 -11.60
N TYR A 144 -8.01 -12.06 -11.40
CA TYR A 144 -8.22 -10.77 -12.04
C TYR A 144 -6.90 -10.26 -12.59
N PHE A 145 -7.00 -9.36 -13.58
CA PHE A 145 -5.82 -8.76 -14.20
C PHE A 145 -6.22 -7.45 -14.86
N PRO A 146 -5.46 -6.37 -14.67
CA PRO A 146 -4.27 -6.33 -13.83
C PRO A 146 -4.61 -5.94 -12.39
N GLU A 147 -3.61 -5.56 -11.62
CA GLU A 147 -3.86 -4.90 -10.35
C GLU A 147 -4.28 -3.46 -10.59
N PRO A 148 -4.94 -2.82 -9.60
CA PRO A 148 -5.37 -3.39 -8.33
C PRO A 148 -6.88 -3.60 -8.26
N VAL A 149 -7.32 -4.34 -7.26
CA VAL A 149 -8.70 -4.28 -6.85
C VAL A 149 -8.73 -3.49 -5.56
N THR A 150 -9.81 -2.75 -5.35
CA THR A 150 -10.05 -2.14 -4.07
C THR A 150 -11.16 -2.91 -3.39
N VAL A 151 -11.04 -3.07 -2.08
CA VAL A 151 -12.06 -3.71 -1.26
C VAL A 151 -12.47 -2.73 -0.19
N SER A 152 -13.77 -2.54 -0.04
CA SER A 152 -14.32 -1.87 1.12
C SER A 152 -15.37 -2.77 1.75
N TRP A 153 -15.81 -2.40 2.93
CA TRP A 153 -16.77 -3.20 3.69
C TRP A 153 -17.92 -2.29 4.11
N ASN A 154 -19.14 -2.74 3.82
CA ASN A 154 -20.36 -1.98 4.07
C ASN A 154 -20.23 -0.56 3.52
N SER A 155 -19.74 -0.48 2.27
CA SER A 155 -19.63 0.77 1.54
C SER A 155 -18.73 1.78 2.27
N GLY A 156 -17.73 1.27 2.98
CA GLY A 156 -16.77 2.11 3.66
C GLY A 156 -17.11 2.43 5.10
N ALA A 157 -18.29 2.04 5.57
CA ALA A 157 -18.63 2.22 6.97
C ALA A 157 -17.86 1.29 7.90
N LEU A 158 -17.26 0.23 7.39
CA LEU A 158 -16.57 -0.74 8.25
C LEU A 158 -15.09 -0.77 7.87
N THR A 159 -14.23 -0.33 8.78
CA THR A 159 -12.78 -0.29 8.53
C THR A 159 -11.98 -0.91 9.66
N SER A 160 -12.51 -0.86 10.87
CA SER A 160 -11.80 -1.38 12.03
C SER A 160 -11.64 -2.90 11.89
N GLY A 161 -10.42 -3.38 12.16
CA GLY A 161 -10.15 -4.80 12.13
C GLY A 161 -10.01 -5.41 10.76
N VAL A 162 -10.01 -4.60 9.70
CA VAL A 162 -9.94 -5.10 8.33
C VAL A 162 -8.49 -5.29 7.96
N HIS A 163 -8.19 -6.46 7.39
CA HIS A 163 -6.91 -6.73 6.77
C HIS A 163 -7.20 -7.13 5.33
N THR A 164 -6.88 -6.26 4.39
CA THR A 164 -6.93 -6.58 2.97
C THR A 164 -5.50 -6.94 2.56
N PHE A 165 -5.27 -8.22 2.25
CA PHE A 165 -3.92 -8.73 2.06
C PHE A 165 -3.35 -8.27 0.72
N PRO A 166 -2.03 -8.08 0.66
CA PRO A 166 -1.38 -7.91 -0.64
C PRO A 166 -1.72 -9.08 -1.57
N ALA A 167 -1.99 -8.76 -2.83
CA ALA A 167 -2.33 -9.80 -3.79
C ALA A 167 -1.16 -10.76 -4.00
N VAL A 168 -1.47 -12.00 -4.36
CA VAL A 168 -0.45 -12.92 -4.85
C VAL A 168 -0.64 -13.12 -6.35
N LEU A 169 0.44 -13.55 -6.99
CA LEU A 169 0.42 -13.86 -8.42
C LEU A 169 0.24 -15.37 -8.58
N GLN A 170 -0.83 -15.76 -9.26
CA GLN A 170 -1.07 -17.16 -9.55
C GLN A 170 -0.33 -17.57 -10.81
N SER A 171 -0.04 -18.87 -10.92
CA SER A 171 0.75 -19.37 -12.05
C SER A 171 0.04 -19.17 -13.38
N SER A 172 -1.28 -18.96 -13.36
CA SER A 172 -1.99 -18.57 -14.56
C SER A 172 -1.66 -17.15 -15.01
N GLY A 173 -1.00 -16.36 -14.17
CA GLY A 173 -0.76 -14.96 -14.46
C GLY A 173 -1.83 -14.04 -13.94
N LEU A 174 -2.89 -14.57 -13.32
CA LEU A 174 -3.94 -13.75 -12.75
C LEU A 174 -3.68 -13.52 -11.27
N TYR A 175 -4.25 -12.44 -10.75
CA TYR A 175 -4.02 -12.09 -9.36
C TYR A 175 -5.13 -12.64 -8.46
N SER A 176 -4.83 -12.64 -7.16
CA SER A 176 -5.79 -13.10 -6.18
C SER A 176 -5.44 -12.48 -4.84
N LEU A 177 -6.47 -12.15 -4.06
CA LEU A 177 -6.25 -11.65 -2.71
C LEU A 177 -7.45 -12.03 -1.85
N SER A 178 -7.27 -11.86 -0.54
CA SER A 178 -8.36 -11.93 0.42
C SER A 178 -8.39 -10.65 1.24
N SER A 179 -9.60 -10.31 1.70
CA SER A 179 -9.82 -9.26 2.68
C SER A 179 -10.60 -9.87 3.83
N VAL A 180 -10.12 -9.70 5.06
CA VAL A 180 -10.75 -10.32 6.22
C VAL A 180 -10.99 -9.26 7.29
N VAL A 181 -11.86 -9.62 8.23
CA VAL A 181 -12.17 -8.76 9.36
C VAL A 181 -12.52 -9.64 10.54
N THR A 182 -12.16 -9.20 11.75
CA THR A 182 -12.62 -9.84 12.98
C THR A 182 -13.69 -8.97 13.63
N VAL A 183 -14.73 -9.62 14.13
CA VAL A 183 -15.91 -8.96 14.68
C VAL A 183 -16.35 -9.75 15.91
N PRO A 184 -17.27 -9.25 16.73
CA PRO A 184 -17.80 -10.09 17.82
C PRO A 184 -18.46 -11.33 17.24
N SER A 185 -18.19 -12.49 17.86
CA SER A 185 -18.88 -13.68 17.42
C SER A 185 -20.37 -13.63 17.75
N SER A 186 -20.75 -12.84 18.77
CA SER A 186 -22.15 -12.72 19.14
C SER A 186 -22.99 -11.98 18.11
N SER A 187 -22.35 -11.18 17.27
CA SER A 187 -23.06 -10.26 16.39
C SER A 187 -23.43 -10.90 15.06
N LEU A 188 -23.01 -12.14 14.82
CA LEU A 188 -23.16 -12.76 13.50
C LEU A 188 -24.61 -12.92 13.07
N GLY A 189 -25.56 -12.93 14.00
CA GLY A 189 -26.93 -13.08 13.58
C GLY A 189 -27.67 -11.79 13.30
N THR A 190 -27.12 -10.65 13.76
CA THR A 190 -27.80 -9.37 13.59
C THR A 190 -27.08 -8.41 12.65
N GLN A 191 -25.77 -8.47 12.56
CA GLN A 191 -25.01 -7.56 11.74
C GLN A 191 -24.87 -8.09 10.33
N THR A 192 -24.80 -7.18 9.36
CA THR A 192 -24.59 -7.57 7.98
C THR A 192 -23.22 -7.11 7.54
N TYR A 193 -22.50 -8.01 6.89
CA TYR A 193 -21.13 -7.80 6.45
C TYR A 193 -21.09 -8.01 4.95
N ILE A 194 -20.96 -6.92 4.19
CA ILE A 194 -20.91 -6.92 2.74
C ILE A 194 -19.56 -6.37 2.30
N CYS A 195 -18.83 -7.12 1.50
CA CYS A 195 -17.58 -6.62 0.96
C CYS A 195 -17.81 -6.05 -0.44
N ASN A 196 -17.22 -4.89 -0.71
CA ASN A 196 -17.41 -4.16 -1.97
C ASN A 196 -16.11 -4.20 -2.76
N VAL A 197 -16.11 -4.88 -3.90
CA VAL A 197 -14.89 -5.11 -4.68
C VAL A 197 -14.99 -4.34 -6.00
N ASN A 198 -14.13 -3.35 -6.17
CA ASN A 198 -14.08 -2.55 -7.38
C ASN A 198 -12.79 -2.88 -8.13
N HIS A 199 -12.90 -3.05 -9.45
CA HIS A 199 -11.75 -3.33 -10.32
C HIS A 199 -11.89 -2.41 -11.52
N LYS A 200 -11.18 -1.28 -11.47
CA LYS A 200 -11.35 -0.23 -12.47
C LYS A 200 -11.04 -0.68 -13.90
N PRO A 201 -9.93 -1.37 -14.20
CA PRO A 201 -9.61 -1.62 -15.62
C PRO A 201 -10.62 -2.52 -16.33
N SER A 202 -11.38 -3.35 -15.62
CA SER A 202 -12.47 -4.11 -16.22
C SER A 202 -13.85 -3.54 -15.91
N ASN A 203 -13.92 -2.39 -15.21
CA ASN A 203 -15.19 -1.75 -14.83
C ASN A 203 -16.11 -2.73 -14.10
N THR A 204 -15.53 -3.47 -13.17
CA THR A 204 -16.24 -4.47 -12.40
C THR A 204 -16.48 -3.94 -10.99
N LYS A 205 -17.75 -3.87 -10.59
CA LYS A 205 -18.13 -3.61 -9.21
C LYS A 205 -18.95 -4.79 -8.75
N VAL A 206 -18.64 -5.32 -7.57
CA VAL A 206 -19.28 -6.51 -7.05
C VAL A 206 -19.45 -6.35 -5.54
N ASP A 207 -20.66 -6.63 -5.06
CA ASP A 207 -20.96 -6.69 -3.64
C ASP A 207 -21.33 -8.12 -3.26
N LYS A 208 -20.71 -8.66 -2.21
CA LYS A 208 -20.98 -10.03 -1.77
C LYS A 208 -21.29 -10.01 -0.29
N LYS A 209 -22.53 -10.29 0.08
CA LYS A 209 -22.87 -10.39 1.50
C LYS A 209 -22.29 -11.69 2.06
N VAL A 210 -21.59 -11.58 3.19
CA VAL A 210 -20.93 -12.74 3.79
C VAL A 210 -21.80 -13.24 4.93
N GLU A 211 -22.47 -14.43 4.72
CA GLU A 211 -23.33 -15.06 5.70
C GLU A 211 -22.54 -16.07 6.54
N PRO A 212 -22.95 -16.30 7.77
CA PRO A 212 -22.31 -17.35 8.57
C PRO A 212 -22.69 -18.73 8.05
N LYS A 213 -21.86 -19.71 8.38
CA LYS A 213 -22.19 -21.10 8.18
C LYS A 213 -22.66 -21.73 9.48
N SER A 214 -23.38 -22.86 9.36
CA SER A 214 -24.03 -23.51 10.50
C SER A 214 -23.06 -24.29 11.38
N CYS A 215 -21.96 -24.78 10.82
CA CYS A 215 -20.95 -25.52 11.60
C CYS A 215 -20.31 -24.61 12.65
N ASP B 1 23.85 15.20 -11.83
CA ASP B 1 22.76 15.22 -10.86
C ASP B 1 23.31 15.31 -9.46
N VAL B 2 22.55 15.92 -8.56
CA VAL B 2 22.90 15.98 -7.15
C VAL B 2 22.36 14.73 -6.46
N VAL B 3 23.27 13.96 -5.85
CA VAL B 3 22.94 12.69 -5.22
C VAL B 3 22.62 12.92 -3.76
N MET B 4 21.52 12.33 -3.29
CA MET B 4 21.13 12.33 -1.88
C MET B 4 21.40 10.95 -1.29
N THR B 5 22.29 10.89 -0.30
CA THR B 5 22.66 9.65 0.38
C THR B 5 22.02 9.65 1.76
N GLN B 6 21.11 8.69 1.99
CA GLN B 6 20.49 8.50 3.30
C GLN B 6 21.11 7.32 4.02
N THR B 7 21.26 7.46 5.34
CA THR B 7 21.71 6.38 6.20
C THR B 7 20.97 6.55 7.52
N PRO B 8 20.66 5.45 8.22
CA PRO B 8 20.91 4.08 7.77
C PRO B 8 19.85 3.65 6.77
N LEU B 9 20.02 2.47 6.15
CA LEU B 9 18.97 1.95 5.29
C LEU B 9 17.78 1.45 6.10
N THR B 10 18.02 0.95 7.31
CA THR B 10 16.96 0.42 8.16
C THR B 10 17.19 0.84 9.61
N LEU B 11 16.12 1.27 10.26
CA LEU B 11 16.08 1.54 11.69
C LEU B 11 15.10 0.57 12.36
N SER B 12 15.59 -0.23 13.31
CA SER B 12 14.73 -1.11 14.09
C SER B 12 14.71 -0.61 15.52
N VAL B 13 13.58 -0.05 15.95
CA VAL B 13 13.48 0.68 17.20
C VAL B 13 12.31 0.16 18.04
N THR B 14 12.43 0.35 19.35
CA THR B 14 11.35 0.07 20.30
C THR B 14 10.60 1.35 20.61
N ILE B 15 9.35 1.19 21.05
CA ILE B 15 8.53 2.34 21.45
C ILE B 15 9.26 3.16 22.49
N GLY B 16 9.37 4.47 22.25
CA GLY B 16 10.01 5.38 23.18
C GLY B 16 11.47 5.67 22.89
N GLN B 17 12.06 4.98 21.96
CA GLN B 17 13.48 5.11 21.64
C GLN B 17 13.70 6.32 20.72
N PRO B 18 14.80 7.05 20.90
CA PRO B 18 15.16 8.09 19.94
C PRO B 18 15.58 7.46 18.63
N ALA B 19 15.37 8.19 17.53
CA ALA B 19 15.82 7.75 16.22
C ALA B 19 16.41 8.92 15.46
N SER B 20 17.36 8.62 14.57
CA SER B 20 18.05 9.64 13.81
C SER B 20 18.32 9.16 12.39
N ILE B 21 18.07 10.03 11.41
CA ILE B 21 18.27 9.71 10.00
C ILE B 21 19.13 10.79 9.37
N SER B 22 20.19 10.36 8.68
CA SER B 22 21.14 11.25 8.04
C SER B 22 20.88 11.34 6.53
N CYS B 23 20.95 12.55 5.99
CA CYS B 23 20.80 12.79 4.55
C CYS B 23 21.90 13.74 4.12
N LYS B 24 22.79 13.28 3.25
CA LYS B 24 23.88 14.10 2.75
C LYS B 24 23.75 14.26 1.24
N SER B 25 23.86 15.51 0.77
CA SER B 25 23.82 15.81 -0.66
C SER B 25 25.24 15.92 -1.20
N SER B 26 25.39 15.64 -2.51
CA SER B 26 26.70 15.69 -3.13
C SER B 26 27.13 17.12 -3.46
N GLN B 27 26.22 18.08 -3.38
CA GLN B 27 26.49 19.49 -3.55
C GLN B 27 25.60 20.29 -2.60
N SER B 28 26.00 21.53 -2.34
CA SER B 28 25.24 22.40 -1.46
C SER B 28 23.81 22.58 -1.96
N LEU B 29 22.86 22.62 -1.03
CA LEU B 29 21.46 22.85 -1.31
C LEU B 29 21.03 24.29 -1.04
N LEU B 30 21.96 25.16 -0.65
CA LEU B 30 21.65 26.57 -0.52
C LEU B 30 21.33 27.15 -1.90
N TYR B 31 20.16 27.74 -2.03
CA TYR B 31 19.74 28.38 -3.27
C TYR B 31 20.09 29.88 -3.24
N SER B 32 19.99 30.51 -4.41
CA SER B 32 20.40 31.90 -4.57
C SER B 32 19.49 32.87 -3.81
N ASP B 33 18.29 32.47 -3.42
CA ASP B 33 17.43 33.31 -2.62
C ASP B 33 17.70 33.19 -1.13
N GLY B 34 18.77 32.50 -0.74
CA GLY B 34 19.12 32.35 0.66
C GLY B 34 18.44 31.22 1.39
N LYS B 35 17.49 30.53 0.76
CA LYS B 35 16.85 29.40 1.40
C LYS B 35 17.50 28.09 0.98
N THR B 36 17.26 27.05 1.77
CA THR B 36 17.78 25.72 1.53
C THR B 36 16.57 24.79 1.38
N TYR B 37 16.35 24.26 0.17
CA TYR B 37 15.13 23.51 -0.13
C TYR B 37 15.41 22.02 0.10
N LEU B 38 15.32 21.62 1.36
CA LEU B 38 15.44 20.22 1.76
C LEU B 38 14.17 19.81 2.49
N ASN B 39 13.54 18.76 1.99
CA ASN B 39 12.26 18.26 2.47
C ASN B 39 12.42 16.84 2.99
N TRP B 40 11.55 16.47 3.94
CA TRP B 40 11.50 15.12 4.51
C TRP B 40 10.10 14.56 4.35
N LEU B 41 10.00 13.32 3.87
CA LEU B 41 8.74 12.63 3.67
C LEU B 41 8.70 11.34 4.49
N LEU B 42 7.51 10.94 4.88
CA LEU B 42 7.26 9.60 5.42
C LEU B 42 6.21 8.94 4.54
N GLN B 43 6.50 7.74 4.08
CA GLN B 43 5.51 6.94 3.38
C GLN B 43 5.22 5.76 4.29
N ARG B 44 4.07 5.82 4.98
CA ARG B 44 3.67 4.71 5.82
C ARG B 44 3.28 3.52 4.93
N PRO B 45 3.41 2.30 5.46
CA PRO B 45 3.18 1.12 4.62
C PRO B 45 1.80 1.13 3.99
N GLY B 46 1.76 0.84 2.68
CA GLY B 46 0.52 0.88 1.94
C GLY B 46 -0.15 2.24 1.88
N GLN B 47 0.62 3.31 1.87
CA GLN B 47 0.08 4.67 1.90
C GLN B 47 0.82 5.54 0.89
N SER B 48 0.22 6.67 0.55
CA SER B 48 0.96 7.66 -0.21
C SER B 48 1.89 8.44 0.70
N PRO B 49 2.98 8.99 0.16
CA PRO B 49 3.88 9.77 1.01
C PRO B 49 3.18 10.99 1.60
N LYS B 50 3.76 11.47 2.70
CA LYS B 50 3.26 12.65 3.40
C LYS B 50 4.46 13.50 3.79
N ARG B 51 4.40 14.80 3.52
CA ARG B 51 5.52 15.66 3.85
C ARG B 51 5.47 15.99 5.34
N LEU B 52 6.59 15.82 6.01
CA LEU B 52 6.71 16.17 7.43
C LEU B 52 7.39 17.51 7.65
N ILE B 53 8.47 17.77 6.90
CA ILE B 53 9.33 18.94 7.10
C ILE B 53 9.71 19.50 5.74
N SER B 54 9.80 20.83 5.66
CA SER B 54 10.35 21.53 4.51
C SER B 54 11.33 22.59 5.01
N LEU B 55 12.07 23.19 4.07
CA LEU B 55 13.07 24.22 4.37
C LEU B 55 13.94 23.79 5.56
N VAL B 56 14.39 22.54 5.51
CA VAL B 56 15.36 21.95 6.44
C VAL B 56 14.69 21.60 7.76
N SER B 57 14.02 22.58 8.38
CA SER B 57 13.62 22.44 9.77
C SER B 57 12.16 22.76 10.07
N GLU B 58 11.38 23.19 9.09
CA GLU B 58 10.05 23.70 9.38
C GLU B 58 9.03 22.57 9.26
N LEU B 59 8.33 22.30 10.36
CA LEU B 59 7.36 21.22 10.39
C LEU B 59 6.07 21.63 9.71
N ASP B 60 5.48 20.69 8.98
CA ASP B 60 4.16 20.91 8.42
C ASP B 60 3.08 20.85 9.49
N SER B 61 1.92 21.41 9.16
CA SER B 61 0.81 21.42 10.09
C SER B 61 0.43 19.98 10.43
N GLY B 62 0.13 19.73 11.70
CA GLY B 62 -0.23 18.40 12.15
C GLY B 62 0.93 17.48 12.47
N VAL B 63 2.17 17.86 12.18
CA VAL B 63 3.30 16.97 12.47
C VAL B 63 3.69 17.12 13.93
N PRO B 64 3.83 16.02 14.69
CA PRO B 64 4.14 16.15 16.12
C PRO B 64 5.50 16.78 16.33
N ASP B 65 5.61 17.53 17.43
CA ASP B 65 6.85 18.19 17.80
C ASP B 65 7.96 17.23 18.24
N ARG B 66 7.73 15.92 18.27
CA ARG B 66 8.87 15.03 18.50
C ARG B 66 9.75 14.86 17.27
N PHE B 67 9.30 15.34 16.11
CA PHE B 67 10.13 15.42 14.92
C PHE B 67 10.88 16.75 14.88
N THR B 68 12.17 16.69 14.56
CA THR B 68 12.98 17.88 14.35
C THR B 68 13.87 17.67 13.12
N GLY B 69 14.03 18.71 12.31
CA GLY B 69 14.96 18.68 11.20
C GLY B 69 16.07 19.70 11.41
N SER B 70 17.28 19.35 11.01
CA SER B 70 18.40 20.27 11.14
C SER B 70 19.41 20.03 10.02
N GLY B 71 20.46 20.84 10.04
CA GLY B 71 21.55 20.75 9.09
C GLY B 71 21.64 21.97 8.19
N SER B 72 22.63 21.94 7.31
CA SER B 72 22.89 23.04 6.38
C SER B 72 23.90 22.57 5.33
N GLY B 73 23.92 23.27 4.20
CA GLY B 73 24.91 23.00 3.18
C GLY B 73 24.69 21.66 2.52
N THR B 74 25.44 20.65 2.97
CA THR B 74 25.34 19.30 2.42
C THR B 74 24.85 18.26 3.40
N ASP B 75 24.84 18.53 4.71
CA ASP B 75 24.56 17.51 5.72
C ASP B 75 23.30 17.87 6.50
N PHE B 76 22.34 16.95 6.50
CA PHE B 76 21.02 17.15 7.08
C PHE B 76 20.61 15.96 7.93
N THR B 77 19.77 16.22 8.94
CA THR B 77 19.37 15.19 9.90
C THR B 77 17.91 15.36 10.27
N LEU B 78 17.18 14.24 10.29
CA LEU B 78 15.84 14.19 10.89
C LEU B 78 15.92 13.32 12.13
N LYS B 79 15.45 13.85 13.25
CA LYS B 79 15.48 13.15 14.52
C LYS B 79 14.07 13.00 15.07
N ILE B 80 13.80 11.82 15.64
CA ILE B 80 12.60 11.53 16.39
C ILE B 80 13.03 11.42 17.84
N SER B 81 12.47 12.25 18.71
CA SER B 81 12.94 12.26 20.09
C SER B 81 12.55 10.96 20.79
N ARG B 82 11.29 10.52 20.62
CA ARG B 82 10.78 9.28 21.18
C ARG B 82 9.85 8.64 20.16
N VAL B 83 10.27 7.52 19.56
CA VAL B 83 9.49 6.87 18.51
C VAL B 83 8.15 6.40 19.07
N GLU B 84 7.07 6.69 18.32
CA GLU B 84 5.74 6.15 18.59
C GLU B 84 5.37 5.14 17.51
N ALA B 85 4.32 4.35 17.77
CA ALA B 85 3.98 3.22 16.90
C ALA B 85 3.69 3.67 15.47
N GLU B 86 3.04 4.81 15.31
CA GLU B 86 2.60 5.28 14.02
C GLU B 86 3.73 5.93 13.22
N ASP B 87 4.97 5.94 13.72
CA ASP B 87 6.07 6.55 12.98
C ASP B 87 6.73 5.60 11.99
N LEU B 88 6.21 4.38 11.86
CA LEU B 88 6.82 3.38 10.99
C LEU B 88 6.56 3.71 9.52
N GLY B 89 7.40 3.15 8.66
CA GLY B 89 7.34 3.29 7.23
C GLY B 89 8.70 3.67 6.68
N VAL B 90 8.70 4.34 5.52
CA VAL B 90 9.93 4.73 4.86
C VAL B 90 10.02 6.26 4.84
N TYR B 91 11.13 6.78 5.37
CA TYR B 91 11.47 8.19 5.35
C TYR B 91 12.35 8.49 4.13
N TYR B 92 12.00 9.57 3.40
CA TYR B 92 12.76 10.07 2.27
C TYR B 92 13.11 11.54 2.47
N CYS B 93 14.34 11.90 2.17
CA CYS B 93 14.68 13.30 1.93
C CYS B 93 14.64 13.56 0.44
N TRP B 94 14.42 14.82 0.08
CA TRP B 94 14.59 15.21 -1.32
C TRP B 94 14.78 16.71 -1.40
N GLN B 95 15.55 17.10 -2.41
CA GLN B 95 16.05 18.47 -2.53
C GLN B 95 15.35 19.19 -3.67
N GLY B 96 15.01 20.46 -3.45
CA GLY B 96 14.34 21.26 -4.44
C GLY B 96 15.21 22.38 -4.97
N THR B 97 16.51 22.30 -4.74
CA THR B 97 17.41 23.36 -5.15
C THR B 97 17.96 23.15 -6.55
N HIS B 98 18.30 21.93 -6.92
CA HIS B 98 18.96 21.68 -8.19
C HIS B 98 18.04 20.95 -9.15
N PHE B 99 18.37 21.04 -10.45
CA PHE B 99 17.72 20.25 -11.50
C PHE B 99 18.65 19.13 -11.95
N PRO B 100 18.16 17.89 -12.02
CA PRO B 100 16.78 17.54 -11.65
C PRO B 100 16.58 17.45 -10.14
N ARG B 101 15.34 17.55 -9.72
CA ARG B 101 15.03 17.24 -8.33
C ARG B 101 15.38 15.78 -8.07
N THR B 102 15.85 15.49 -6.87
CA THR B 102 16.35 14.16 -6.55
C THR B 102 15.95 13.79 -5.14
N PHE B 103 15.73 12.49 -4.93
CA PHE B 103 15.27 11.92 -3.68
C PHE B 103 16.36 11.04 -3.07
N GLY B 104 16.42 11.02 -1.75
CA GLY B 104 17.18 10.00 -1.06
C GLY B 104 16.66 8.60 -1.36
N GLY B 105 17.46 7.61 -0.97
CA GLY B 105 17.11 6.22 -1.21
C GLY B 105 16.10 5.65 -0.24
N GLY B 106 15.83 6.36 0.85
CA GLY B 106 14.83 5.86 1.77
C GLY B 106 15.45 5.19 2.98
N THR B 107 14.79 5.37 4.12
CA THR B 107 15.14 4.72 5.38
C THR B 107 13.90 4.01 5.92
N LYS B 108 13.94 2.69 6.00
CA LYS B 108 12.83 1.96 6.59
C LYS B 108 12.93 2.01 8.11
N LEU B 109 11.90 2.54 8.77
CA LEU B 109 11.78 2.48 10.22
C LEU B 109 10.77 1.39 10.57
N GLU B 110 11.20 0.43 11.39
CA GLU B 110 10.32 -0.64 11.84
C GLU B 110 10.35 -0.74 13.36
N ILE B 111 9.26 -1.26 13.93
CA ILE B 111 9.04 -1.28 15.37
C ILE B 111 9.36 -2.66 15.94
N LYS B 112 10.19 -2.69 16.97
CA LYS B 112 10.37 -3.90 17.77
C LYS B 112 9.42 -3.86 18.96
N ARG B 113 8.71 -4.97 19.20
CA ARG B 113 7.71 -5.02 20.26
C ARG B 113 7.77 -6.40 20.92
N THR B 114 6.89 -6.63 21.87
CA THR B 114 6.85 -7.93 22.53
C THR B 114 6.32 -8.98 21.57
N VAL B 115 6.72 -10.22 21.82
CA VAL B 115 6.14 -11.34 21.10
C VAL B 115 4.64 -11.41 21.41
N ALA B 116 3.85 -11.71 20.39
CA ALA B 116 2.41 -11.87 20.48
C ALA B 116 1.98 -13.03 19.60
N ALA B 117 1.32 -14.03 20.19
CA ALA B 117 0.89 -15.20 19.44
C ALA B 117 -0.19 -14.83 18.42
N PRO B 118 -0.21 -15.51 17.27
CA PRO B 118 -1.31 -15.33 16.32
C PRO B 118 -2.59 -15.98 16.82
N SER B 119 -3.70 -15.36 16.48
CA SER B 119 -4.99 -16.04 16.48
C SER B 119 -5.14 -16.76 15.15
N VAL B 120 -5.66 -17.98 15.17
CA VAL B 120 -5.67 -18.80 13.96
C VAL B 120 -7.11 -19.14 13.59
N PHE B 121 -7.43 -18.99 12.31
CA PHE B 121 -8.76 -19.25 11.77
C PHE B 121 -8.64 -20.01 10.47
N ILE B 122 -9.66 -20.83 10.17
CA ILE B 122 -9.66 -21.55 8.90
C ILE B 122 -11.03 -21.39 8.25
N PHE B 123 -11.03 -21.32 6.92
CA PHE B 123 -12.27 -21.15 6.15
C PHE B 123 -12.41 -22.27 5.13
N PRO B 124 -13.46 -23.08 5.21
CA PRO B 124 -13.75 -24.04 4.13
C PRO B 124 -14.16 -23.30 2.87
N PRO B 125 -14.00 -23.93 1.71
CA PRO B 125 -14.43 -23.28 0.45
C PRO B 125 -15.94 -23.12 0.41
N SER B 126 -16.38 -22.08 -0.30
CA SER B 126 -17.80 -21.81 -0.46
C SER B 126 -18.42 -22.74 -1.49
N ASP B 127 -19.73 -22.96 -1.34
CA ASP B 127 -20.45 -23.77 -2.32
C ASP B 127 -20.40 -23.15 -3.70
N GLU B 128 -20.43 -21.81 -3.77
CA GLU B 128 -20.36 -21.14 -5.07
C GLU B 128 -19.08 -21.49 -5.80
N GLN B 129 -17.93 -21.41 -5.11
CA GLN B 129 -16.67 -21.75 -5.76
C GLN B 129 -16.59 -23.24 -6.10
N LEU B 130 -17.07 -24.12 -5.21
CA LEU B 130 -17.11 -25.54 -5.54
C LEU B 130 -17.96 -25.81 -6.78
N LYS B 131 -18.98 -24.98 -7.01
CA LYS B 131 -19.78 -25.17 -8.22
C LYS B 131 -18.96 -24.91 -9.47
N SER B 132 -17.93 -24.05 -9.37
CA SER B 132 -17.10 -23.71 -10.51
C SER B 132 -15.91 -24.65 -10.70
N GLY B 133 -15.74 -25.65 -9.84
CA GLY B 133 -14.73 -26.67 -10.05
C GLY B 133 -13.43 -26.46 -9.33
N THR B 134 -13.40 -25.61 -8.32
CA THR B 134 -12.18 -25.28 -7.61
C THR B 134 -12.51 -25.10 -6.12
N ALA B 135 -11.56 -25.46 -5.27
CA ALA B 135 -11.71 -25.38 -3.82
C ALA B 135 -10.51 -24.62 -3.27
N SER B 136 -10.74 -23.42 -2.72
CA SER B 136 -9.72 -22.68 -2.01
C SER B 136 -10.01 -22.78 -0.52
N VAL B 137 -9.01 -23.15 0.27
CA VAL B 137 -9.13 -23.22 1.72
C VAL B 137 -8.16 -22.20 2.31
N VAL B 138 -8.65 -21.34 3.19
CA VAL B 138 -7.87 -20.21 3.67
C VAL B 138 -7.58 -20.39 5.16
N CYS B 139 -6.31 -20.24 5.52
CA CYS B 139 -5.86 -20.24 6.90
C CYS B 139 -5.39 -18.84 7.24
N LEU B 140 -5.98 -18.25 8.26
CA LEU B 140 -5.70 -16.88 8.67
C LEU B 140 -4.99 -16.87 10.01
N LEU B 141 -3.84 -16.19 10.07
CA LEU B 141 -3.09 -15.94 11.30
C LEU B 141 -3.13 -14.44 11.55
N ASN B 142 -3.69 -14.04 12.68
CA ASN B 142 -4.04 -12.65 12.89
C ASN B 142 -3.21 -12.05 14.01
N ASN B 143 -2.59 -10.89 13.73
CA ASN B 143 -2.07 -9.97 14.75
C ASN B 143 -0.98 -10.61 15.63
N PHE B 144 0.11 -10.98 14.99
CA PHE B 144 1.22 -11.63 15.67
C PHE B 144 2.52 -10.86 15.46
N TYR B 145 3.50 -11.16 16.31
CA TYR B 145 4.85 -10.65 16.24
C TYR B 145 5.76 -11.64 16.95
N PRO B 146 6.94 -11.96 16.41
CA PRO B 146 7.52 -11.44 15.17
C PRO B 146 6.90 -11.99 13.90
N ARG B 147 7.43 -11.51 12.76
CA ARG B 147 6.86 -11.80 11.45
C ARG B 147 6.99 -13.27 11.07
N GLU B 148 8.08 -13.92 11.49
CA GLU B 148 8.33 -15.30 11.09
C GLU B 148 7.24 -16.22 11.65
N ALA B 149 6.72 -17.09 10.80
CA ALA B 149 5.65 -18.01 11.15
C ALA B 149 5.74 -19.20 10.22
N LYS B 150 5.53 -20.40 10.76
CA LYS B 150 5.53 -21.60 9.96
C LYS B 150 4.08 -22.08 9.82
N VAL B 151 3.61 -22.17 8.59
CA VAL B 151 2.26 -22.65 8.30
C VAL B 151 2.37 -23.87 7.40
N GLN B 152 1.80 -24.99 7.85
CA GLN B 152 1.78 -26.22 7.08
C GLN B 152 0.37 -26.75 6.92
N TRP B 153 0.04 -27.17 5.72
CA TRP B 153 -1.25 -27.78 5.41
C TRP B 153 -1.16 -29.29 5.51
N LYS B 154 -2.16 -29.89 6.13
CA LYS B 154 -2.25 -31.35 6.20
C LYS B 154 -3.62 -31.77 5.72
N VAL B 155 -3.66 -32.74 4.82
CA VAL B 155 -4.89 -33.24 4.23
C VAL B 155 -4.97 -34.73 4.55
N ASP B 156 -5.95 -35.12 5.36
CA ASP B 156 -6.01 -36.45 5.95
C ASP B 156 -4.67 -36.81 6.61
N ASN B 157 -4.15 -35.85 7.37
CA ASN B 157 -2.92 -35.97 8.15
C ASN B 157 -1.66 -36.12 7.30
N ALA B 158 -1.78 -35.97 5.99
CA ALA B 158 -0.64 -35.99 5.08
C ALA B 158 -0.19 -34.56 4.78
N LEU B 159 1.10 -34.31 4.94
CA LEU B 159 1.64 -32.97 4.76
C LEU B 159 1.63 -32.56 3.28
N GLN B 160 1.12 -31.37 3.01
CA GLN B 160 0.99 -30.86 1.65
C GLN B 160 2.22 -30.06 1.24
N SER B 161 2.46 -30.03 -0.06
CA SER B 161 3.51 -29.17 -0.61
C SER B 161 3.13 -28.80 -2.03
N GLY B 162 3.32 -27.53 -2.37
CA GLY B 162 3.22 -27.11 -3.75
C GLY B 162 1.86 -26.67 -4.20
N ASN B 163 0.91 -26.48 -3.29
CA ASN B 163 -0.43 -26.09 -3.70
C ASN B 163 -0.99 -24.98 -2.80
N SER B 164 -0.12 -24.18 -2.18
CA SER B 164 -0.58 -23.10 -1.33
C SER B 164 0.23 -21.84 -1.62
N GLN B 165 -0.37 -20.69 -1.35
CA GLN B 165 0.32 -19.40 -1.46
C GLN B 165 0.04 -18.58 -0.21
N GLU B 166 1.08 -17.92 0.29
CA GLU B 166 1.02 -17.09 1.48
C GLU B 166 1.06 -15.61 1.08
N SER B 167 0.39 -14.80 1.89
CA SER B 167 0.55 -13.36 1.79
C SER B 167 0.59 -12.76 3.19
N VAL B 168 1.48 -11.78 3.40
CA VAL B 168 1.66 -11.16 4.71
C VAL B 168 1.37 -9.67 4.60
N THR B 169 0.64 -9.13 5.58
CA THR B 169 0.37 -7.70 5.61
C THR B 169 1.63 -6.92 6.00
N GLU B 170 1.56 -5.63 5.78
CA GLU B 170 2.53 -4.74 6.38
C GLU B 170 2.34 -4.71 7.90
N GLN B 171 3.40 -4.31 8.59
CA GLN B 171 3.30 -4.08 10.02
C GLN B 171 2.20 -3.06 10.31
N ASP B 172 1.41 -3.34 11.35
CA ASP B 172 0.28 -2.48 11.72
C ASP B 172 0.77 -1.21 12.37
N SER B 173 0.11 -0.09 12.05
CA SER B 173 0.58 1.20 12.53
C SER B 173 0.18 1.50 13.97
N LYS B 174 -0.66 0.68 14.60
CA LYS B 174 -1.10 0.90 15.97
C LYS B 174 -0.50 -0.08 16.95
N ASP B 175 -0.53 -1.39 16.65
CA ASP B 175 -0.02 -2.41 17.55
C ASP B 175 1.24 -3.07 17.03
N SER B 176 1.70 -2.67 15.84
CA SER B 176 2.98 -3.13 15.28
C SER B 176 3.03 -4.63 15.05
N THR B 177 1.88 -5.26 14.77
CA THR B 177 1.83 -6.70 14.49
C THR B 177 1.67 -6.94 12.99
N TYR B 178 1.71 -8.22 12.63
CA TYR B 178 1.49 -8.73 11.28
C TYR B 178 0.34 -9.72 11.26
N SER B 179 -0.30 -9.85 10.11
CA SER B 179 -1.25 -10.94 9.84
C SER B 179 -0.80 -11.65 8.58
N LEU B 180 -1.20 -12.91 8.45
CA LEU B 180 -0.77 -13.74 7.33
C LEU B 180 -1.94 -14.60 6.88
N SER B 181 -2.02 -14.85 5.57
CA SER B 181 -2.98 -15.77 5.00
C SER B 181 -2.24 -16.84 4.21
N SER B 182 -2.68 -18.08 4.34
CA SER B 182 -2.18 -19.20 3.54
C SER B 182 -3.38 -19.80 2.82
N THR B 183 -3.32 -19.88 1.50
CA THR B 183 -4.46 -20.35 0.70
C THR B 183 -4.09 -21.64 0.00
N LEU B 184 -4.75 -22.73 0.40
CA LEU B 184 -4.61 -24.02 -0.26
C LEU B 184 -5.64 -24.10 -1.39
N THR B 185 -5.18 -24.36 -2.62
CA THR B 185 -6.05 -24.38 -3.79
C THR B 185 -6.01 -25.76 -4.45
N LEU B 186 -7.18 -26.39 -4.57
CA LEU B 186 -7.31 -27.68 -5.22
C LEU B 186 -8.51 -27.64 -6.17
N SER B 187 -8.52 -28.59 -7.10
CA SER B 187 -9.69 -28.78 -7.94
C SER B 187 -10.82 -29.43 -7.13
N LYS B 188 -12.03 -29.30 -7.66
CA LYS B 188 -13.20 -29.91 -7.02
C LYS B 188 -13.00 -31.41 -6.80
N ALA B 189 -12.48 -32.12 -7.82
CA ALA B 189 -12.32 -33.57 -7.70
C ALA B 189 -11.32 -33.92 -6.60
N ASP B 190 -10.15 -33.28 -6.60
CA ASP B 190 -9.15 -33.54 -5.56
C ASP B 190 -9.70 -33.22 -4.17
N TYR B 191 -10.46 -32.12 -4.05
CA TYR B 191 -11.01 -31.72 -2.76
C TYR B 191 -11.93 -32.79 -2.20
N GLU B 192 -12.75 -33.41 -3.07
CA GLU B 192 -13.74 -34.39 -2.66
C GLU B 192 -13.14 -35.76 -2.40
N LYS B 193 -11.85 -35.94 -2.59
CA LYS B 193 -11.20 -37.21 -2.32
C LYS B 193 -10.71 -37.33 -0.88
N HIS B 194 -10.84 -36.27 -0.07
CA HIS B 194 -10.28 -36.26 1.27
C HIS B 194 -11.30 -35.70 2.24
N LYS B 195 -11.03 -35.91 3.53
CA LYS B 195 -12.00 -35.54 4.56
C LYS B 195 -11.48 -34.47 5.50
N VAL B 196 -10.30 -34.63 6.08
CA VAL B 196 -9.81 -33.72 7.09
C VAL B 196 -8.82 -32.73 6.45
N TYR B 197 -9.19 -31.46 6.46
CA TYR B 197 -8.33 -30.37 6.00
C TYR B 197 -7.85 -29.57 7.20
N ALA B 198 -6.55 -29.43 7.34
CA ALA B 198 -5.97 -28.88 8.56
C ALA B 198 -4.81 -27.94 8.23
N CYS B 199 -4.76 -26.80 8.92
CA CYS B 199 -3.63 -25.89 8.90
CA CYS B 199 -3.59 -25.95 8.88
C CYS B 199 -2.97 -25.92 10.27
N GLU B 200 -1.65 -26.15 10.29
CA GLU B 200 -0.87 -26.26 11.53
C GLU B 200 0.14 -25.10 11.58
N VAL B 201 0.14 -24.38 12.70
CA VAL B 201 0.85 -23.11 12.83
C VAL B 201 1.87 -23.21 13.95
N THR B 202 3.11 -22.84 13.65
CA THR B 202 4.18 -22.74 14.64
C THR B 202 4.64 -21.29 14.72
N HIS B 203 4.86 -20.79 15.94
CA HIS B 203 5.25 -19.40 16.12
C HIS B 203 5.81 -19.25 17.53
N GLN B 204 6.79 -18.34 17.66
CA GLN B 204 7.45 -18.08 18.94
C GLN B 204 6.48 -17.72 20.06
N GLY B 205 5.33 -17.16 19.73
CA GLY B 205 4.34 -16.85 20.74
C GLY B 205 3.48 -18.01 21.18
N LEU B 206 3.64 -19.19 20.58
CA LEU B 206 2.84 -20.37 20.94
C LEU B 206 3.71 -21.37 21.68
N SER B 207 3.22 -21.84 22.83
CA SER B 207 4.01 -22.81 23.59
C SER B 207 4.09 -24.16 22.90
N SER B 208 3.17 -24.46 22.00
CA SER B 208 3.27 -25.64 21.15
C SER B 208 2.48 -25.35 19.88
N PRO B 209 2.75 -26.09 18.80
CA PRO B 209 2.08 -25.77 17.53
C PRO B 209 0.56 -25.88 17.65
N VAL B 210 -0.13 -25.02 16.90
CA VAL B 210 -1.59 -24.91 16.96
C VAL B 210 -2.18 -25.43 15.65
N THR B 211 -3.11 -26.36 15.75
CA THR B 211 -3.81 -26.91 14.59
C THR B 211 -5.24 -26.40 14.54
N LYS B 212 -5.66 -25.95 13.36
CA LYS B 212 -7.06 -25.62 13.07
C LYS B 212 -7.51 -26.48 11.90
N SER B 213 -8.64 -27.17 12.04
CA SER B 213 -9.05 -28.12 11.01
C SER B 213 -10.56 -28.24 10.93
N PHE B 214 -11.03 -28.78 9.81
CA PHE B 214 -12.44 -29.13 9.62
C PHE B 214 -12.53 -30.39 8.78
N ASN B 215 -13.72 -31.00 8.80
CA ASN B 215 -14.06 -32.13 7.94
C ASN B 215 -14.90 -31.65 6.77
N ARG B 216 -14.64 -32.21 5.58
CA ARG B 216 -15.28 -31.74 4.37
C ARG B 216 -16.81 -31.82 4.45
N GLY B 217 -17.36 -32.75 5.21
CA GLY B 217 -18.81 -32.81 5.34
C GLY B 217 -19.42 -31.80 6.29
N GLU B 218 -18.73 -31.53 7.41
CA GLU B 218 -19.35 -30.84 8.55
C GLU B 218 -19.81 -29.44 8.18
N CYS B 219 -18.95 -28.67 7.51
CA CYS B 219 -19.27 -27.28 7.18
C CYS B 219 -20.01 -27.14 5.85
N PRO C 1 -5.48 28.92 8.70
CA PRO C 1 -4.19 28.24 8.71
C PRO C 1 -3.14 28.94 7.83
N PRO C 2 -1.87 28.79 8.18
CA PRO C 2 -0.80 29.40 7.38
C PRO C 2 -0.51 28.59 6.14
N PRO C 3 -0.21 29.23 5.02
CA PRO C 3 0.09 28.50 3.79
C PRO C 3 1.36 27.68 3.96
N PRO C 4 1.38 26.47 3.41
CA PRO C 4 2.56 25.61 3.59
C PRO C 4 3.75 26.14 2.81
N ASN C 5 4.93 25.84 3.32
CA ASN C 5 6.15 26.18 2.63
C ASN C 5 6.25 25.42 1.31
N PRO C 6 6.91 26.01 0.31
CA PRO C 6 7.18 25.28 -0.92
C PRO C 6 8.27 24.24 -0.73
N ASN C 7 8.20 23.20 -1.58
CA ASN C 7 9.23 22.19 -1.73
C ASN C 7 10.44 22.69 -2.50
N ASP C 8 10.28 23.76 -3.27
CA ASP C 8 11.26 24.21 -4.24
C ASP C 8 10.75 25.52 -4.87
N PRO C 9 11.65 26.37 -5.36
CA PRO C 9 11.21 27.70 -5.83
C PRO C 9 10.42 27.58 -7.12
N PRO C 10 9.35 28.38 -7.27
CA PRO C 10 8.63 28.41 -8.54
C PRO C 10 9.48 29.08 -9.60
N PRO C 11 9.27 28.76 -10.87
CA PRO C 11 10.09 29.33 -11.93
C PRO C 11 9.59 30.73 -12.28
N PRO C 12 10.46 31.62 -12.74
CA PRO C 12 10.00 32.95 -13.14
C PRO C 12 9.14 32.91 -14.40
N ASN C 13 8.35 33.97 -14.57
CA ASN C 13 7.48 34.10 -15.74
C ASN C 13 8.31 34.13 -17.02
N PRO C 14 7.84 33.50 -18.10
CA PRO C 14 8.68 33.38 -19.30
C PRO C 14 8.93 34.69 -20.02
N ASN C 15 7.92 35.54 -20.16
CA ASN C 15 8.13 36.83 -20.78
C ASN C 15 7.27 37.90 -20.12
C1 EDO D . -5.83 -15.44 -1.86
O1 EDO D . -6.07 -15.38 -0.45
C2 EDO D . -4.43 -15.99 -2.05
O2 EDO D . -3.55 -15.18 -1.25
C1 EDO E . -12.04 8.32 -11.49
O1 EDO E . -11.42 7.25 -10.77
C2 EDO E . -11.03 8.85 -12.49
O2 EDO E . -10.53 7.71 -13.19
C1 EDO F . 3.80 -6.21 -23.47
O1 EDO F . 4.21 -7.50 -23.95
C2 EDO F . 4.91 -5.57 -22.64
O2 EDO F . 5.99 -5.15 -23.48
C1 EDO G . -22.34 -19.50 -0.87
O1 EDO G . -21.54 -19.96 -1.95
C2 EDO G . -22.83 -20.72 -0.10
O2 EDO G . -21.68 -21.46 0.31
C1 EDO H . 23.16 0.49 7.92
O1 EDO H . 22.90 1.16 6.70
C2 EDO H . 22.29 -0.76 8.02
O2 EDO H . 20.90 -0.39 8.04
C1 EDO I . 4.46 11.06 11.50
O1 EDO I . 3.96 10.06 12.40
C2 EDO I . 3.32 11.97 11.04
O2 EDO I . 2.55 12.34 12.18
#